data_7PZB
#
_entry.id   7PZB
#
_cell.length_a   50.710
_cell.length_b   72.900
_cell.length_c   199.990
_cell.angle_alpha   90.000
_cell.angle_beta   90.000
_cell.angle_gamma   90.000
#
_symmetry.space_group_name_H-M   'P 21 21 21'
#
loop_
_entity.id
_entity.type
_entity.pdbx_description
1 polymer 'Putative cAMP-binding protein-catabolite gene activator'
2 polymer "DNA (5'-D(*CP*TP*AP*GP*GP*TP*AP*AP*CP*AP*TP*TP*AP*CP*TP*CP*GP*CP*G)-3')"
3 polymer "DNA (5'-D(*GP*CP*GP*AP*GP*TP*AP*AP*TP*GP*TP*TP*AP*C)-3')"
4 non-polymer 'CYCLIC GUANOSINE MONOPHOSPHATE'
5 water water
#
loop_
_entity_poly.entity_id
_entity_poly.type
_entity_poly.pdbx_seq_one_letter_code
_entity_poly.pdbx_strand_id
1 'polypeptide(L)'
;MAEVIRSSAFWRSFPIFEEFDSETLCELSGIASYRKWSAGTVIFQRGDQGDYMIVVVSGRIKLSLFTPQGRELMLRQHEA
GALFGEMALLDGQPRSADATAVTAAEGYVIGKKDFLALITQRPKTAEAVIRFLCAQLRDTTDRLETIALYDLNARVARFF
LATLRQIHGSEMPQSANLRLTLSQTDIASILGASRPKVNRAILSLEESGAIKRADGIICCNVGRLLSIADPEEDLEHHHH
HHHH
;
A,B
2 'polydeoxyribonucleotide' (DC)(DT)(DA)(DG)(DG)(DT)(DA)(DA)(DC)(DA)(DT)(DT)(DA)(DC)(DT)(DC)(DG)(DC)(DG) C,E
3 'polydeoxyribonucleotide' (DG)(DC)(DG)(DA)(DG)(DT)(DA)(DA)(DT)(DG)(DT)(DT)(DA)(DC) D,F
#
# COMPACT_ATOMS: atom_id res chain seq x y z
N ARG A 6 15.29 0.43 -30.00
CA ARG A 6 14.49 -0.10 -28.88
C ARG A 6 13.01 -0.20 -29.26
N SER A 7 12.61 -1.36 -29.78
CA SER A 7 11.20 -1.62 -30.11
C SER A 7 10.98 -3.11 -30.34
N SER A 8 10.82 -3.91 -29.25
CA SER A 8 10.01 -5.14 -29.35
C SER A 8 10.00 -5.99 -28.09
N ALA A 9 10.71 -7.15 -28.09
CA ALA A 9 10.62 -7.93 -26.85
C ALA A 9 11.47 -7.34 -25.72
N PHE A 10 12.09 -6.19 -25.97
CA PHE A 10 12.88 -5.50 -24.96
C PHE A 10 11.99 -4.83 -23.92
N TRP A 11 10.77 -4.43 -24.33
CA TRP A 11 9.78 -3.82 -23.44
C TRP A 11 9.11 -4.83 -22.51
N ARG A 12 9.09 -6.12 -22.86
CA ARG A 12 8.45 -7.09 -21.97
C ARG A 12 9.15 -7.16 -20.62
N SER A 13 10.45 -6.85 -20.58
CA SER A 13 11.20 -6.91 -19.33
C SER A 13 10.57 -6.05 -18.25
N PHE A 14 10.02 -4.90 -18.64
CA PHE A 14 9.47 -3.96 -17.67
C PHE A 14 8.10 -4.43 -17.18
N PRO A 15 7.79 -4.19 -15.92
CA PRO A 15 6.47 -4.58 -15.40
C PRO A 15 5.34 -3.96 -16.22
N ILE A 16 4.15 -4.56 -16.09
CA ILE A 16 2.97 -4.14 -16.86
C ILE A 16 3.15 -4.49 -18.32
N PHE A 17 4.26 -4.04 -18.93
CA PHE A 17 4.54 -4.40 -20.31
C PHE A 17 4.71 -5.90 -20.48
N GLU A 18 4.98 -6.64 -19.41
CA GLU A 18 5.18 -8.08 -19.53
C GLU A 18 3.94 -8.76 -20.10
N GLU A 19 2.75 -8.33 -19.66
CA GLU A 19 1.49 -8.90 -20.12
C GLU A 19 0.97 -8.24 -21.39
N PHE A 20 1.83 -7.60 -22.17
CA PHE A 20 1.39 -6.92 -23.38
C PHE A 20 1.42 -7.87 -24.56
N ASP A 21 0.49 -7.64 -25.49
CA ASP A 21 0.51 -8.31 -26.77
C ASP A 21 1.45 -7.58 -27.72
N SER A 22 1.93 -8.30 -28.73
CA SER A 22 2.91 -7.74 -29.65
C SER A 22 2.37 -6.51 -30.39
N GLU A 23 1.07 -6.51 -30.70
CA GLU A 23 0.48 -5.40 -31.44
C GLU A 23 0.57 -4.11 -30.63
N THR A 24 0.20 -4.17 -29.36
CA THR A 24 0.20 -3.03 -28.45
C THR A 24 1.60 -2.68 -27.95
N LEU A 25 2.60 -3.51 -28.21
CA LEU A 25 3.89 -3.40 -27.53
C LEU A 25 5.03 -2.93 -28.42
N CYS A 26 4.87 -2.98 -29.75
CA CYS A 26 5.94 -2.60 -30.66
C CYS A 26 5.83 -1.12 -30.96
N GLU A 27 4.88 -0.78 -31.84
CA GLU A 27 4.31 0.56 -31.97
C GLU A 27 4.37 1.37 -30.69
N LEU A 28 3.59 1.01 -29.74
CA LEU A 28 3.25 1.99 -28.75
C LEU A 28 4.49 2.43 -27.94
N SER A 29 5.70 2.01 -28.36
CA SER A 29 6.95 2.33 -27.71
C SER A 29 7.79 3.28 -28.54
N GLY A 30 7.26 3.75 -29.67
CA GLY A 30 7.84 4.89 -30.33
C GLY A 30 7.18 6.15 -29.84
N ILE A 31 6.61 6.12 -28.63
CA ILE A 31 6.13 7.35 -27.99
C ILE A 31 6.81 7.45 -26.63
N ALA A 32 8.06 7.02 -26.56
CA ALA A 32 8.85 7.11 -25.34
C ALA A 32 10.14 7.87 -25.66
N SER A 33 10.34 8.99 -24.97
CA SER A 33 11.51 9.82 -25.18
C SER A 33 12.62 9.46 -24.20
N TYR A 34 13.86 9.57 -24.67
CA TYR A 34 15.00 9.27 -23.81
C TYR A 34 15.21 10.40 -22.79
N ARG A 35 15.78 10.03 -21.64
CA ARG A 35 16.12 11.01 -20.61
C ARG A 35 17.12 10.41 -19.64
N LYS A 36 18.14 11.20 -19.27
CA LYS A 36 19.18 10.72 -18.39
C LYS A 36 19.46 11.79 -17.33
N TRP A 37 19.96 11.33 -16.18
CA TRP A 37 20.09 12.11 -14.97
C TRP A 37 21.45 11.83 -14.35
N SER A 38 22.23 12.88 -14.12
CA SER A 38 23.51 12.70 -13.45
C SER A 38 23.31 12.13 -12.06
N ALA A 39 24.38 11.54 -11.53
CA ALA A 39 24.30 10.88 -10.23
C ALA A 39 23.91 11.89 -9.15
N GLY A 40 22.86 11.56 -8.41
CA GLY A 40 22.42 12.38 -7.29
C GLY A 40 21.53 13.54 -7.69
N THR A 41 20.65 13.33 -8.66
CA THR A 41 19.76 14.39 -9.14
C THR A 41 18.31 14.02 -8.87
N VAL A 42 17.52 14.99 -8.42
CA VAL A 42 16.11 14.77 -8.16
C VAL A 42 15.36 14.79 -9.47
N ILE A 43 14.77 13.66 -9.85
CA ILE A 43 13.92 13.64 -11.05
C ILE A 43 12.67 14.45 -10.80
N PHE A 44 12.03 14.27 -9.64
CA PHE A 44 10.89 15.10 -9.25
C PHE A 44 10.72 15.00 -7.74
N GLN A 45 9.75 15.75 -7.22
CA GLN A 45 9.38 15.73 -5.81
C GLN A 45 7.98 15.14 -5.63
N ARG A 46 7.54 15.15 -4.38
CA ARG A 46 6.22 14.63 -4.04
C ARG A 46 5.12 15.56 -4.54
N GLY A 47 5.27 16.86 -4.32
CA GLY A 47 4.25 17.81 -4.71
C GLY A 47 4.12 18.01 -6.21
N ASP A 48 5.15 17.65 -6.97
CA ASP A 48 5.13 17.90 -8.40
C ASP A 48 3.90 17.28 -9.05
N GLN A 49 3.31 18.03 -9.98
CA GLN A 49 2.35 17.46 -10.90
C GLN A 49 2.97 16.27 -11.63
N GLY A 50 2.26 15.15 -11.65
CA GLY A 50 2.73 13.99 -12.36
C GLY A 50 1.94 13.74 -13.64
N ASP A 51 2.44 14.22 -14.76
CA ASP A 51 1.81 14.01 -16.06
C ASP A 51 2.61 13.07 -16.96
N TYR A 52 3.45 12.21 -16.38
CA TYR A 52 4.28 11.37 -17.22
C TYR A 52 4.74 10.16 -16.41
N MET A 53 5.29 9.18 -17.12
CA MET A 53 5.74 7.93 -16.53
C MET A 53 7.15 7.62 -17.01
N ILE A 54 7.87 6.85 -16.21
CA ILE A 54 9.30 6.63 -16.42
C ILE A 54 9.60 5.13 -16.38
N VAL A 55 10.34 4.66 -17.39
CA VAL A 55 10.94 3.32 -17.36
C VAL A 55 12.44 3.51 -17.16
N VAL A 56 13.07 2.52 -16.52
CA VAL A 56 14.46 2.63 -16.12
C VAL A 56 15.27 1.66 -16.97
N VAL A 57 16.25 2.19 -17.70
CA VAL A 57 17.10 1.35 -18.54
C VAL A 57 18.46 1.17 -17.87
N SER A 58 18.90 2.16 -17.09
CA SER A 58 20.21 2.05 -16.48
C SER A 58 20.31 3.00 -15.29
N GLY A 59 21.17 2.65 -14.35
CA GLY A 59 21.30 3.42 -13.12
C GLY A 59 20.46 2.85 -12.01
N ARG A 60 20.47 3.58 -10.88
CA ARG A 60 19.76 3.17 -9.68
C ARG A 60 18.97 4.37 -9.20
N ILE A 61 17.64 4.24 -9.17
CA ILE A 61 16.77 5.35 -8.77
C ILE A 61 16.05 4.97 -7.50
N LYS A 62 16.23 5.76 -6.45
CA LYS A 62 15.60 5.51 -5.17
C LYS A 62 14.34 6.37 -5.05
N LEU A 63 13.23 5.72 -4.74
CA LEU A 63 11.96 6.38 -4.45
C LEU A 63 11.75 6.38 -2.95
N SER A 64 11.49 7.56 -2.38
CA SER A 64 11.51 7.67 -0.93
C SER A 64 10.58 8.78 -0.46
N LEU A 65 10.36 8.81 0.86
CA LEU A 65 9.50 9.76 1.55
C LEU A 65 10.32 10.49 2.60
N PHE A 66 10.30 11.83 2.59
CA PHE A 66 11.10 12.61 3.53
C PHE A 66 10.18 13.51 4.35
N THR A 67 10.30 13.42 5.70
CA THR A 67 9.52 14.30 6.53
C THR A 67 10.26 15.62 6.76
N PRO A 68 9.53 16.69 7.05
CA PRO A 68 10.19 17.99 7.30
C PRO A 68 11.21 17.95 8.43
N GLN A 69 11.12 17.00 9.36
CA GLN A 69 12.05 16.97 10.50
C GLN A 69 13.47 16.60 10.07
N GLY A 70 13.61 15.73 9.07
CA GLY A 70 14.92 15.31 8.61
C GLY A 70 15.02 13.80 8.45
N ARG A 71 14.01 13.09 8.94
CA ARG A 71 13.98 11.63 8.86
C ARG A 71 13.49 11.19 7.48
N GLU A 72 14.10 10.12 6.97
CA GLU A 72 13.81 9.61 5.64
C GLU A 72 13.37 8.15 5.71
N LEU A 73 12.53 7.75 4.75
CA LEU A 73 12.07 6.37 4.60
C LEU A 73 12.27 5.96 3.14
N MET A 74 13.24 5.07 2.91
CA MET A 74 13.48 4.57 1.56
C MET A 74 12.33 3.65 1.16
N LEU A 75 11.52 4.10 0.19
CA LEU A 75 10.47 3.25 -0.37
C LEU A 75 11.08 2.11 -1.16
N ARG A 76 11.81 2.42 -2.23
CA ARG A 76 12.45 1.35 -2.99
C ARG A 76 13.69 1.86 -3.68
N GLN A 77 14.48 0.91 -4.20
CA GLN A 77 15.72 1.18 -4.90
C GLN A 77 15.62 0.50 -6.27
N HIS A 78 14.81 1.10 -7.16
CA HIS A 78 14.61 0.52 -8.49
C HIS A 78 15.90 0.61 -9.32
N GLU A 79 15.96 -0.23 -10.34
CA GLU A 79 17.14 -0.27 -11.16
C GLU A 79 16.73 -0.71 -12.55
N ALA A 80 17.62 -1.35 -13.30
CA ALA A 80 17.30 -1.73 -14.67
C ALA A 80 16.04 -2.59 -14.70
N GLY A 81 15.21 -2.37 -15.73
CA GLY A 81 14.00 -3.15 -15.90
C GLY A 81 12.89 -2.81 -14.93
N ALA A 82 12.91 -1.62 -14.34
CA ALA A 82 11.90 -1.19 -13.38
C ALA A 82 11.00 -0.14 -13.99
N LEU A 83 9.80 -0.01 -13.43
CA LEU A 83 8.81 0.95 -13.93
C LEU A 83 8.13 1.64 -12.75
N PHE A 84 8.12 2.98 -12.79
CA PHE A 84 7.47 3.80 -11.79
C PHE A 84 6.97 5.09 -12.44
N GLY A 85 6.23 5.86 -11.66
CA GLY A 85 5.68 7.12 -12.12
C GLY A 85 4.32 7.03 -12.78
N GLU A 86 3.49 6.05 -12.41
CA GLU A 86 2.19 5.82 -13.03
C GLU A 86 1.01 6.16 -12.14
N MET A 87 1.19 6.13 -10.81
CA MET A 87 0.10 6.49 -9.92
C MET A 87 -0.31 7.94 -10.12
N ALA A 88 0.64 8.87 -9.93
CA ALA A 88 0.25 10.26 -10.17
C ALA A 88 -0.34 10.45 -11.57
N LEU A 89 0.07 9.63 -12.53
CA LEU A 89 -0.49 9.64 -13.88
C LEU A 89 -1.98 9.30 -13.89
N LEU A 90 -2.26 7.99 -13.87
CA LEU A 90 -3.62 7.47 -13.89
C LEU A 90 -4.52 8.26 -12.94
N ASP A 91 -4.14 8.29 -11.66
CA ASP A 91 -4.88 9.00 -10.63
C ASP A 91 -4.48 10.47 -10.65
N GLY A 92 -5.46 11.35 -10.89
CA GLY A 92 -5.19 12.75 -11.19
C GLY A 92 -4.60 13.59 -10.07
N GLN A 93 -4.09 12.96 -9.02
CA GLN A 93 -3.53 13.69 -7.90
C GLN A 93 -2.05 13.97 -8.15
N PRO A 94 -1.32 14.53 -7.18
CA PRO A 94 0.10 14.79 -7.36
C PRO A 94 0.92 13.53 -7.09
N ARG A 95 2.24 13.69 -7.22
CA ARG A 95 3.16 12.61 -6.92
C ARG A 95 3.03 12.19 -5.47
N SER A 96 3.21 10.90 -5.22
CA SER A 96 3.09 10.35 -3.87
C SER A 96 4.44 10.06 -3.24
N ALA A 97 5.54 10.29 -3.95
CA ALA A 97 6.88 10.02 -3.43
C ALA A 97 7.88 10.91 -4.15
N ASP A 98 9.15 10.79 -3.74
CA ASP A 98 10.24 11.55 -4.34
C ASP A 98 11.18 10.59 -5.05
N ALA A 99 11.50 10.91 -6.31
CA ALA A 99 12.37 10.09 -7.14
C ALA A 99 13.71 10.77 -7.27
N THR A 100 14.78 10.08 -6.87
CA THR A 100 16.12 10.64 -6.93
C THR A 100 17.10 9.61 -7.47
N ALA A 101 17.87 10.00 -8.47
CA ALA A 101 18.88 9.13 -9.06
C ALA A 101 20.19 9.30 -8.30
N VAL A 102 20.66 8.21 -7.68
CA VAL A 102 21.91 8.24 -6.91
C VAL A 102 23.13 7.89 -7.77
N THR A 103 22.92 7.44 -9.00
CA THR A 103 24.00 7.30 -9.98
C THR A 103 23.49 7.77 -11.33
N ALA A 104 24.41 7.89 -12.28
CA ALA A 104 24.04 8.17 -13.66
C ALA A 104 22.96 7.20 -14.09
N ALA A 105 21.76 7.74 -14.38
CA ALA A 105 20.62 6.90 -14.70
C ALA A 105 20.03 7.34 -16.03
N GLU A 106 19.75 6.38 -16.89
CA GLU A 106 19.07 6.64 -18.15
C GLU A 106 17.76 5.85 -18.17
N GLY A 107 16.77 6.41 -18.86
CA GLY A 107 15.48 5.73 -18.97
C GLY A 107 14.57 6.47 -19.93
N TYR A 108 13.47 5.81 -20.27
CA TYR A 108 12.49 6.34 -21.21
C TYR A 108 11.32 6.97 -20.47
N VAL A 109 10.66 7.90 -21.14
CA VAL A 109 9.58 8.70 -20.57
C VAL A 109 8.37 8.59 -21.49
N ILE A 110 7.18 8.49 -20.88
CA ILE A 110 5.93 8.37 -21.61
C ILE A 110 4.94 9.37 -21.04
N GLY A 111 4.26 10.09 -21.93
CA GLY A 111 3.37 11.15 -21.49
C GLY A 111 2.06 10.64 -20.91
N LYS A 112 1.39 11.54 -20.20
CA LYS A 112 0.11 11.18 -19.59
C LYS A 112 -0.95 10.85 -20.65
N LYS A 113 -1.24 11.81 -21.54
CA LYS A 113 -2.33 11.59 -22.48
C LYS A 113 -2.08 10.36 -23.34
N ASP A 114 -0.85 10.22 -23.85
CA ASP A 114 -0.54 9.09 -24.71
C ASP A 114 -0.87 7.78 -24.00
N PHE A 115 -0.44 7.66 -22.75
CA PHE A 115 -0.64 6.42 -22.01
C PHE A 115 -2.12 6.18 -21.72
N LEU A 116 -2.85 7.20 -21.28
CA LEU A 116 -4.27 6.98 -20.98
C LEU A 116 -5.06 6.69 -22.25
N ALA A 117 -4.72 7.35 -23.36
CA ALA A 117 -5.34 7.03 -24.64
C ALA A 117 -5.01 5.62 -25.08
N LEU A 118 -3.83 5.13 -24.73
CA LEU A 118 -3.48 3.76 -25.06
C LEU A 118 -4.25 2.75 -24.22
N ILE A 119 -4.46 3.06 -22.93
CA ILE A 119 -5.31 2.20 -22.10
C ILE A 119 -6.72 2.17 -22.64
N THR A 120 -7.23 3.33 -23.08
CA THR A 120 -8.52 3.34 -23.75
C THR A 120 -8.48 2.56 -25.05
N GLN A 121 -7.32 2.45 -25.68
CA GLN A 121 -7.24 1.75 -26.96
C GLN A 121 -7.32 0.23 -26.78
N ARG A 122 -6.55 -0.33 -25.86
CA ARG A 122 -6.52 -1.77 -25.62
C ARG A 122 -7.07 -2.08 -24.23
N PRO A 123 -8.29 -2.60 -24.13
CA PRO A 123 -8.91 -2.78 -22.80
C PRO A 123 -8.09 -3.67 -21.87
N LYS A 124 -7.51 -4.76 -22.41
CA LYS A 124 -6.85 -5.74 -21.55
C LYS A 124 -5.60 -5.16 -20.91
N THR A 125 -4.94 -4.20 -21.58
CA THR A 125 -3.83 -3.47 -20.96
C THR A 125 -4.25 -2.90 -19.61
N ALA A 126 -5.50 -2.44 -19.51
CA ALA A 126 -6.03 -2.00 -18.23
C ALA A 126 -5.86 -3.08 -17.17
N GLU A 127 -6.34 -4.30 -17.47
CA GLU A 127 -6.08 -5.43 -16.59
C GLU A 127 -4.63 -5.44 -16.16
N ALA A 128 -3.71 -5.40 -17.12
CA ALA A 128 -2.30 -5.41 -16.79
C ALA A 128 -2.03 -4.42 -15.66
N VAL A 129 -2.38 -3.15 -15.91
CA VAL A 129 -2.18 -2.11 -14.90
C VAL A 129 -2.71 -2.56 -13.56
N ILE A 130 -3.98 -2.98 -13.54
CA ILE A 130 -4.63 -3.37 -12.30
C ILE A 130 -3.79 -4.44 -11.58
N ARG A 131 -3.45 -5.52 -12.30
CA ARG A 131 -2.71 -6.62 -11.68
C ARG A 131 -1.43 -6.10 -11.08
N PHE A 132 -0.77 -5.19 -11.78
CA PHE A 132 0.45 -4.59 -11.29
C PHE A 132 0.19 -3.82 -10.01
N LEU A 133 -0.84 -2.98 -10.03
CA LEU A 133 -1.17 -2.16 -8.87
C LEU A 133 -1.40 -3.03 -7.65
N CYS A 134 -2.31 -4.01 -7.77
CA CYS A 134 -2.53 -4.96 -6.68
C CYS A 134 -1.19 -5.41 -6.12
N ALA A 135 -0.32 -5.91 -7.01
CA ALA A 135 0.98 -6.40 -6.57
C ALA A 135 1.68 -5.36 -5.71
N GLN A 136 1.86 -4.16 -6.25
CA GLN A 136 2.48 -3.07 -5.50
C GLN A 136 1.85 -2.94 -4.12
N LEU A 137 0.53 -2.77 -4.08
CA LEU A 137 -0.17 -2.63 -2.81
C LEU A 137 0.30 -3.69 -1.83
N ARG A 138 0.27 -4.94 -2.28
CA ARG A 138 0.66 -6.07 -1.45
C ARG A 138 2.06 -5.87 -0.90
N ASP A 139 3.02 -5.65 -1.79
CA ASP A 139 4.39 -5.48 -1.35
C ASP A 139 4.47 -4.40 -0.27
N THR A 140 3.76 -3.30 -0.49
CA THR A 140 3.75 -2.20 0.48
C THR A 140 3.17 -2.67 1.80
N THR A 141 1.97 -3.27 1.76
CA THR A 141 1.27 -3.63 2.98
C THR A 141 2.09 -4.62 3.80
N ASP A 142 2.68 -5.60 3.12
CA ASP A 142 3.57 -6.53 3.78
C ASP A 142 4.66 -5.79 4.54
N ARG A 143 5.33 -4.85 3.86
CA ARG A 143 6.33 -4.04 4.52
C ARG A 143 5.74 -3.34 5.75
N LEU A 144 4.54 -2.78 5.60
CA LEU A 144 3.82 -2.22 6.74
C LEU A 144 3.85 -3.18 7.92
N GLU A 145 3.32 -4.39 7.70
CA GLU A 145 3.31 -5.39 8.76
C GLU A 145 4.70 -5.57 9.36
N THR A 146 5.71 -5.73 8.50
CA THR A 146 7.08 -5.91 8.98
C THR A 146 7.44 -4.86 10.01
N ILE A 147 7.15 -3.60 9.71
CA ILE A 147 7.58 -2.53 10.60
C ILE A 147 6.63 -2.31 11.76
N ALA A 148 5.43 -2.88 11.69
CA ALA A 148 4.46 -2.69 12.77
C ALA A 148 4.59 -3.73 13.87
N LEU A 149 4.87 -4.98 13.51
CA LEU A 149 4.72 -6.10 14.43
C LEU A 149 6.01 -6.89 14.64
N TYR A 150 7.16 -6.36 14.24
CA TYR A 150 8.40 -7.11 14.34
C TYR A 150 9.53 -6.22 14.83
N ASP A 151 10.48 -6.84 15.55
CA ASP A 151 11.68 -6.14 15.98
C ASP A 151 12.63 -6.01 14.79
N LEU A 152 13.84 -5.51 15.05
CA LEU A 152 14.78 -5.24 13.97
C LEU A 152 15.25 -6.53 13.30
N ASN A 153 15.64 -7.52 14.11
CA ASN A 153 16.15 -8.76 13.54
C ASN A 153 15.12 -9.41 12.63
N ALA A 154 13.88 -9.54 13.12
CA ALA A 154 12.81 -10.08 12.29
C ALA A 154 12.60 -9.23 11.04
N ARG A 155 12.77 -7.92 11.17
CA ARG A 155 12.55 -7.03 10.03
C ARG A 155 13.55 -7.35 8.92
N VAL A 156 14.83 -7.39 9.26
CA VAL A 156 15.86 -7.67 8.26
C VAL A 156 15.72 -9.10 7.73
N ALA A 157 15.33 -10.04 8.59
CA ALA A 157 15.11 -11.40 8.11
C ALA A 157 14.03 -11.43 7.04
N ARG A 158 12.91 -10.75 7.31
CA ARG A 158 11.83 -10.69 6.34
C ARG A 158 12.28 -9.96 5.08
N PHE A 159 13.11 -8.93 5.24
CA PHE A 159 13.61 -8.22 4.08
C PHE A 159 14.41 -9.16 3.19
N PHE A 160 15.31 -9.94 3.80
CA PHE A 160 16.11 -10.87 3.01
C PHE A 160 15.26 -11.94 2.35
N LEU A 161 14.23 -12.42 3.05
CA LEU A 161 13.34 -13.41 2.45
C LEU A 161 12.61 -12.84 1.24
N ALA A 162 12.07 -11.62 1.40
CA ALA A 162 11.39 -10.97 0.28
C ALA A 162 12.34 -10.70 -0.87
N THR A 163 13.59 -10.34 -0.56
CA THR A 163 14.54 -10.03 -1.63
C THR A 163 14.95 -11.30 -2.37
N LEU A 164 15.03 -12.43 -1.68
CA LEU A 164 15.31 -13.69 -2.36
C LEU A 164 14.11 -14.18 -3.16
N ARG A 165 12.90 -13.95 -2.63
CA ARG A 165 11.68 -14.36 -3.32
C ARG A 165 11.44 -13.49 -4.54
N GLN A 166 12.06 -12.31 -4.58
CA GLN A 166 12.06 -11.53 -5.81
C GLN A 166 12.77 -12.28 -6.93
N ILE A 167 14.03 -12.68 -6.69
CA ILE A 167 14.80 -13.47 -7.65
C ILE A 167 14.11 -14.79 -7.95
N HIS A 168 14.12 -15.73 -7.01
CA HIS A 168 13.37 -16.98 -7.22
C HIS A 168 12.00 -16.82 -6.58
N GLY A 169 11.00 -16.50 -7.41
CA GLY A 169 9.68 -16.17 -6.92
C GLY A 169 8.80 -17.36 -6.59
N SER A 170 9.16 -18.59 -6.98
CA SER A 170 8.23 -19.65 -6.55
C SER A 170 8.86 -21.01 -6.36
N GLU A 171 10.11 -21.07 -5.93
CA GLU A 171 10.71 -22.34 -5.59
C GLU A 171 11.25 -22.27 -4.16
N MET A 172 12.56 -22.10 -4.06
CA MET A 172 13.23 -21.51 -2.92
C MET A 172 13.99 -22.60 -2.19
N PRO A 173 15.31 -22.47 -2.08
CA PRO A 173 16.14 -23.58 -1.61
C PRO A 173 16.28 -23.62 -0.09
N GLN A 174 17.38 -24.21 0.37
CA GLN A 174 17.76 -24.20 1.78
C GLN A 174 18.89 -23.23 2.08
N SER A 175 19.81 -23.05 1.15
CA SER A 175 20.86 -22.03 1.23
C SER A 175 20.97 -21.34 -0.11
N ALA A 176 20.92 -20.01 -0.11
CA ALA A 176 20.98 -19.26 -1.36
C ALA A 176 21.80 -18.00 -1.19
N ASN A 177 22.72 -17.77 -2.10
CA ASN A 177 23.50 -16.54 -2.09
C ASN A 177 22.74 -15.44 -2.80
N LEU A 178 23.05 -14.19 -2.45
CA LEU A 178 22.42 -13.04 -3.08
C LEU A 178 23.36 -11.83 -3.07
N ARG A 179 23.45 -11.16 -4.21
CA ARG A 179 24.37 -10.06 -4.45
C ARG A 179 23.60 -8.77 -4.16
N LEU A 180 23.90 -8.16 -3.02
CA LEU A 180 22.97 -7.19 -2.43
C LEU A 180 22.90 -5.87 -3.18
N THR A 181 23.96 -5.05 -3.08
CA THR A 181 24.00 -3.72 -3.68
C THR A 181 23.20 -2.71 -2.85
N LEU A 182 23.16 -2.92 -1.54
CA LEU A 182 22.53 -1.98 -0.62
C LEU A 182 23.44 -1.80 0.58
N SER A 183 23.74 -0.55 0.93
CA SER A 183 24.51 -0.32 2.14
C SER A 183 23.63 -0.54 3.37
N GLN A 184 24.27 -0.58 4.55
CA GLN A 184 23.53 -0.79 5.77
C GLN A 184 22.69 0.43 6.15
N THR A 185 23.16 1.64 5.81
CA THR A 185 22.28 2.80 5.90
C THR A 185 21.07 2.65 4.98
N ASP A 186 21.28 2.11 3.78
CA ASP A 186 20.15 1.84 2.89
C ASP A 186 19.11 0.95 3.59
N ILE A 187 19.58 -0.15 4.20
CA ILE A 187 18.66 -1.06 4.88
C ILE A 187 17.95 -0.35 6.02
N ALA A 188 18.71 0.35 6.87
CA ALA A 188 18.12 1.03 8.02
C ALA A 188 17.08 2.05 7.59
N SER A 189 17.25 2.65 6.41
CA SER A 189 16.29 3.62 5.92
C SER A 189 15.08 2.96 5.27
N ILE A 190 15.27 1.79 4.66
CA ILE A 190 14.14 1.04 4.12
C ILE A 190 13.22 0.59 5.25
N LEU A 191 13.80 0.13 6.36
CA LEU A 191 13.03 -0.48 7.44
C LEU A 191 12.76 0.48 8.59
N GLY A 192 13.08 1.76 8.43
CA GLY A 192 12.82 2.74 9.47
C GLY A 192 13.53 2.42 10.78
N ALA A 193 14.85 2.32 10.73
CA ALA A 193 15.66 2.00 11.89
C ALA A 193 16.92 2.84 11.84
N SER A 194 17.93 2.45 12.61
CA SER A 194 19.20 3.16 12.69
C SER A 194 20.32 2.32 12.11
N ARG A 195 21.22 2.95 11.36
CA ARG A 195 22.33 2.22 10.76
C ARG A 195 23.13 1.42 11.77
N PRO A 196 23.60 1.99 12.89
CA PRO A 196 24.37 1.17 13.84
C PRO A 196 23.62 -0.05 14.33
N LYS A 197 22.33 0.09 14.60
CA LYS A 197 21.57 -1.03 15.12
C LYS A 197 21.17 -2.01 14.03
N VAL A 198 21.03 -1.55 12.79
CA VAL A 198 20.87 -2.46 11.67
C VAL A 198 22.13 -3.29 11.46
N ASN A 199 23.30 -2.65 11.56
CA ASN A 199 24.56 -3.37 11.55
C ASN A 199 24.60 -4.41 12.66
N ARG A 200 24.22 -4.02 13.87
CA ARG A 200 24.15 -4.98 14.96
C ARG A 200 23.24 -6.16 14.61
N ALA A 201 22.06 -5.88 14.08
CA ALA A 201 21.11 -6.95 13.78
C ALA A 201 21.67 -7.91 12.73
N ILE A 202 22.33 -7.37 11.70
CA ILE A 202 22.90 -8.22 10.65
C ILE A 202 24.01 -9.10 11.22
N LEU A 203 24.89 -8.51 12.04
CA LEU A 203 25.94 -9.30 12.66
C LEU A 203 25.36 -10.35 13.61
N SER A 204 24.27 -9.99 14.30
CA SER A 204 23.59 -10.95 15.17
C SER A 204 23.04 -12.11 14.36
N LEU A 205 22.52 -11.83 13.17
CA LEU A 205 21.97 -12.88 12.33
C LEU A 205 23.07 -13.79 11.78
N GLU A 206 24.20 -13.20 11.41
CA GLU A 206 25.30 -14.04 10.93
C GLU A 206 25.94 -14.85 12.05
N GLU A 207 25.91 -14.33 13.29
CA GLU A 207 26.45 -15.06 14.43
C GLU A 207 25.45 -16.04 15.04
N SER A 208 24.18 -15.92 14.69
CA SER A 208 23.19 -16.91 15.10
C SER A 208 23.09 -18.06 14.10
N GLY A 209 23.98 -18.12 13.12
CA GLY A 209 23.96 -19.17 12.12
C GLY A 209 22.98 -18.97 11.00
N ALA A 210 22.44 -17.76 10.83
CA ALA A 210 21.42 -17.52 9.82
C ALA A 210 22.05 -17.24 8.46
N ILE A 211 22.87 -16.18 8.37
CA ILE A 211 23.42 -15.72 7.11
C ILE A 211 24.93 -15.59 7.26
N LYS A 212 25.66 -16.10 6.28
CA LYS A 212 27.10 -15.91 6.18
C LYS A 212 27.36 -14.86 5.10
N ARG A 213 28.19 -13.87 5.40
CA ARG A 213 28.30 -12.67 4.58
C ARG A 213 29.76 -12.44 4.19
N ALA A 214 30.03 -12.55 2.89
CA ALA A 214 31.35 -12.35 2.30
C ALA A 214 31.33 -11.13 1.39
N ASP A 215 32.47 -10.88 0.75
CA ASP A 215 32.67 -9.69 -0.07
C ASP A 215 31.59 -9.52 -1.13
N GLY A 216 30.56 -8.72 -0.81
CA GLY A 216 29.46 -8.45 -1.72
C GLY A 216 28.38 -9.49 -1.77
N ILE A 217 28.55 -10.63 -1.11
CA ILE A 217 27.61 -11.75 -1.21
C ILE A 217 27.11 -12.12 0.19
N ILE A 218 25.90 -12.67 0.24
CA ILE A 218 25.32 -13.21 1.46
C ILE A 218 24.72 -14.56 1.14
N CYS A 219 25.25 -15.61 1.76
CA CYS A 219 24.64 -16.94 1.76
C CYS A 219 23.61 -16.99 2.87
N CYS A 220 22.35 -17.13 2.51
CA CYS A 220 21.25 -17.13 3.46
C CYS A 220 20.81 -18.55 3.76
N ASN A 221 20.67 -18.86 5.06
CA ASN A 221 20.19 -20.15 5.54
C ASN A 221 18.68 -20.05 5.81
N VAL A 222 17.90 -20.25 4.76
CA VAL A 222 16.45 -20.11 4.79
C VAL A 222 15.83 -20.68 6.07
N GLY A 223 16.37 -21.80 6.55
CA GLY A 223 15.83 -22.41 7.75
C GLY A 223 15.90 -21.49 8.97
N ARG A 224 17.12 -21.16 9.38
CA ARG A 224 17.28 -20.27 10.52
C ARG A 224 16.70 -18.89 10.27
N LEU A 225 16.57 -18.46 9.00
CA LEU A 225 15.98 -17.16 8.73
C LEU A 225 14.48 -17.16 8.97
N LEU A 226 13.79 -18.25 8.61
CA LEU A 226 12.39 -18.35 8.99
C LEU A 226 12.24 -18.50 10.49
N SER A 227 13.18 -19.21 11.15
CA SER A 227 13.11 -19.31 12.61
C SER A 227 13.32 -17.94 13.26
N ILE A 228 14.09 -17.07 12.63
CA ILE A 228 14.38 -15.76 13.21
C ILE A 228 13.27 -14.75 12.88
N ALA A 229 12.66 -14.85 11.69
CA ALA A 229 11.57 -13.96 11.31
C ALA A 229 10.28 -14.30 12.04
N ASP A 230 10.27 -15.36 12.83
CA ASP A 230 9.15 -15.74 13.67
C ASP A 230 9.68 -16.11 15.05
N PRO A 231 8.83 -16.62 15.96
CA PRO A 231 9.28 -17.08 17.29
C PRO A 231 9.23 -18.59 17.42
N GLU A 232 9.38 -19.10 18.64
CA GLU A 232 9.23 -20.53 18.96
C GLU A 232 9.51 -20.86 20.42
N ARG B 6 -33.23 -3.33 -3.82
CA ARG B 6 -31.91 -2.71 -3.92
C ARG B 6 -31.40 -2.74 -5.37
N SER B 7 -31.70 -1.68 -6.13
CA SER B 7 -31.19 -1.55 -7.50
C SER B 7 -31.38 -0.12 -7.99
N SER B 8 -30.70 0.77 -7.31
CA SER B 8 -31.00 2.15 -7.33
C SER B 8 -29.68 2.87 -7.23
N ALA B 9 -29.70 4.17 -7.47
CA ALA B 9 -28.70 5.09 -6.96
C ALA B 9 -28.19 4.71 -5.57
N PHE B 10 -28.64 3.57 -5.05
CA PHE B 10 -28.21 3.07 -3.76
C PHE B 10 -26.79 2.51 -3.84
N TRP B 11 -26.41 1.99 -5.03
CA TRP B 11 -25.08 1.44 -5.29
C TRP B 11 -24.02 2.53 -5.46
N ARG B 12 -24.44 3.73 -5.81
CA ARG B 12 -23.48 4.82 -5.95
C ARG B 12 -22.69 5.04 -4.67
N SER B 13 -23.34 4.86 -3.53
CA SER B 13 -22.74 5.14 -2.23
C SER B 13 -21.41 4.39 -2.05
N PHE B 14 -21.35 3.17 -2.57
CA PHE B 14 -20.16 2.34 -2.38
C PHE B 14 -19.03 2.80 -3.30
N PRO B 15 -17.79 2.72 -2.84
CA PRO B 15 -16.66 3.10 -3.70
C PRO B 15 -16.65 2.31 -5.00
N ILE B 16 -15.93 2.86 -5.98
CA ILE B 16 -15.87 2.27 -7.32
C ILE B 16 -17.20 2.43 -8.04
N PHE B 17 -18.28 1.97 -7.39
CA PHE B 17 -19.61 2.15 -7.96
C PHE B 17 -19.97 3.62 -8.10
N GLU B 18 -19.29 4.51 -7.37
CA GLU B 18 -19.62 5.93 -7.45
C GLU B 18 -19.45 6.45 -8.88
N GLU B 19 -18.39 6.02 -9.57
CA GLU B 19 -18.12 6.46 -10.93
C GLU B 19 -18.82 5.60 -11.99
N PHE B 20 -19.89 4.91 -11.62
CA PHE B 20 -20.58 4.05 -12.56
C PHE B 20 -21.65 4.82 -13.31
N ASP B 21 -21.87 4.42 -14.55
CA ASP B 21 -23.00 4.91 -15.33
C ASP B 21 -24.25 4.11 -14.99
N SER B 22 -25.41 4.72 -15.23
CA SER B 22 -26.67 4.09 -14.85
C SER B 22 -26.88 2.75 -15.56
N GLU B 23 -26.41 2.64 -16.80
CA GLU B 23 -26.59 1.40 -17.55
C GLU B 23 -25.88 0.23 -16.89
N THR B 24 -24.62 0.45 -16.49
CA THR B 24 -23.79 -0.55 -15.86
C THR B 24 -24.12 -0.76 -14.39
N LEU B 25 -24.97 0.10 -13.80
CA LEU B 25 -25.12 0.15 -12.35
C LEU B 25 -26.45 -0.38 -11.83
N CYS B 26 -27.46 -0.52 -12.69
CA CYS B 26 -28.78 -0.99 -12.23
C CYS B 26 -28.84 -2.51 -12.34
N GLU B 27 -29.01 -2.97 -13.58
CA GLU B 27 -28.69 -4.34 -13.95
C GLU B 27 -27.61 -4.97 -13.10
N LEU B 28 -26.33 -4.62 -13.36
CA LEU B 28 -25.16 -5.04 -12.56
C LEU B 28 -25.58 -5.89 -11.41
N SER B 29 -26.37 -5.21 -10.64
CA SER B 29 -26.52 -5.37 -9.22
C SER B 29 -27.60 -6.38 -8.87
N GLY B 30 -28.19 -7.02 -9.86
CA GLY B 30 -28.97 -8.21 -9.61
C GLY B 30 -28.09 -9.43 -9.73
N ILE B 31 -26.78 -9.27 -9.54
CA ILE B 31 -25.89 -10.42 -9.44
C ILE B 31 -25.13 -10.30 -8.12
N ALA B 32 -25.81 -9.79 -7.09
CA ALA B 32 -25.25 -9.67 -5.76
C ALA B 32 -26.16 -10.40 -4.78
N SER B 33 -25.62 -11.40 -4.10
CA SER B 33 -26.38 -12.19 -3.14
C SER B 33 -26.23 -11.64 -1.73
N TYR B 34 -27.30 -11.73 -0.95
CA TYR B 34 -27.25 -11.26 0.43
C TYR B 34 -26.43 -12.23 1.29
N ARG B 35 -25.80 -11.71 2.36
CA ARG B 35 -25.21 -12.57 3.37
C ARG B 35 -24.92 -11.73 4.62
N LYS B 36 -25.11 -12.37 5.75
CA LYS B 36 -25.01 -11.73 7.04
C LYS B 36 -24.20 -12.62 7.98
N TRP B 37 -23.58 -11.98 8.97
CA TRP B 37 -22.58 -12.59 9.84
C TRP B 37 -22.86 -12.15 11.26
N SER B 38 -23.02 -13.11 12.17
CA SER B 38 -23.21 -12.77 13.56
C SER B 38 -21.99 -12.03 14.10
N ALA B 39 -22.19 -11.31 15.20
CA ALA B 39 -21.13 -10.50 15.77
C ALA B 39 -19.95 -11.36 16.17
N GLY B 40 -18.77 -11.00 15.66
CA GLY B 40 -17.54 -11.69 16.01
C GLY B 40 -17.26 -12.94 15.21
N THR B 41 -17.59 -12.91 13.92
CA THR B 41 -17.41 -14.07 13.05
C THR B 41 -16.40 -13.75 11.96
N VAL B 42 -15.52 -14.69 11.67
CA VAL B 42 -14.52 -14.52 10.62
C VAL B 42 -15.18 -14.76 9.27
N ILE B 43 -15.26 -13.73 8.45
CA ILE B 43 -15.78 -13.92 7.09
C ILE B 43 -14.80 -14.76 6.28
N PHE B 44 -13.50 -14.45 6.37
CA PHE B 44 -12.47 -15.29 5.75
C PHE B 44 -11.15 -15.00 6.42
N GLN B 45 -10.10 -15.72 5.99
CA GLN B 45 -8.74 -15.53 6.46
C GLN B 45 -7.86 -15.01 5.34
N ARG B 46 -6.57 -14.87 5.66
CA ARG B 46 -5.60 -14.39 4.69
C ARG B 46 -5.33 -15.43 3.61
N GLY B 47 -5.12 -16.68 4.03
CA GLY B 47 -4.79 -17.73 3.07
C GLY B 47 -5.94 -18.13 2.17
N ASP B 48 -7.18 -17.83 2.57
CA ASP B 48 -8.32 -18.27 1.79
C ASP B 48 -8.23 -17.82 0.34
N GLN B 49 -8.59 -18.70 -0.56
CA GLN B 49 -8.86 -18.32 -1.94
C GLN B 49 -9.91 -17.22 -1.97
N GLY B 50 -9.61 -16.15 -2.71
CA GLY B 50 -10.56 -15.07 -2.85
C GLY B 50 -11.18 -15.03 -4.24
N ASP B 51 -12.36 -15.64 -4.38
CA ASP B 51 -13.08 -15.65 -5.64
C ASP B 51 -14.35 -14.80 -5.58
N TYR B 52 -14.43 -13.82 -4.67
CA TYR B 52 -15.65 -13.04 -4.56
C TYR B 52 -15.34 -11.72 -3.88
N MET B 53 -16.30 -10.81 -3.94
CA MET B 53 -16.17 -9.47 -3.39
C MET B 53 -17.39 -9.15 -2.54
N ILE B 54 -17.19 -8.24 -1.58
CA ILE B 54 -18.18 -7.97 -0.54
C ILE B 54 -18.44 -6.47 -0.46
N VAL B 55 -19.72 -6.09 -0.46
CA VAL B 55 -20.14 -4.73 -0.12
C VAL B 55 -20.79 -4.80 1.26
N VAL B 56 -20.70 -3.71 2.00
CA VAL B 56 -21.15 -3.69 3.41
C VAL B 56 -22.38 -2.79 3.49
N VAL B 57 -23.49 -3.36 3.96
CA VAL B 57 -24.72 -2.59 4.09
C VAL B 57 -24.94 -2.25 5.56
N SER B 58 -24.46 -3.09 6.47
CA SER B 58 -24.71 -2.84 7.88
C SER B 58 -23.71 -3.60 8.73
N GLY B 59 -23.44 -3.08 9.92
CA GLY B 59 -22.45 -3.67 10.80
C GLY B 59 -21.09 -3.01 10.64
N ARG B 60 -20.11 -3.57 11.35
CA ARG B 60 -18.76 -3.05 11.39
C ARG B 60 -17.82 -4.22 11.13
N ILE B 61 -17.06 -4.16 10.05
CA ILE B 61 -16.16 -5.25 9.68
C ILE B 61 -14.73 -4.74 9.73
N LYS B 62 -13.91 -5.37 10.57
CA LYS B 62 -12.52 -4.99 10.70
C LYS B 62 -11.65 -5.89 9.84
N LEU B 63 -10.82 -5.27 9.01
CA LEU B 63 -9.82 -5.95 8.19
C LEU B 63 -8.47 -5.76 8.86
N SER B 64 -7.76 -6.86 9.10
CA SER B 64 -6.55 -6.78 9.93
C SER B 64 -5.56 -7.87 9.55
N LEU B 65 -4.35 -7.72 10.09
CA LEU B 65 -3.22 -8.63 9.87
C LEU B 65 -2.75 -9.17 11.23
N PHE B 66 -2.57 -10.49 11.32
CA PHE B 66 -2.17 -11.18 12.55
C PHE B 66 -0.83 -11.87 12.37
N THR B 67 0.04 -11.64 13.26
CA THR B 67 1.24 -12.45 13.19
C THR B 67 1.11 -13.67 14.09
N PRO B 68 1.85 -14.74 13.78
CA PRO B 68 1.80 -15.94 14.62
C PRO B 68 2.15 -15.71 16.08
N GLN B 69 2.90 -14.63 16.40
CA GLN B 69 3.31 -14.42 17.78
C GLN B 69 2.14 -14.01 18.67
N GLY B 70 1.17 -13.28 18.13
CA GLY B 70 0.02 -12.85 18.92
C GLY B 70 -0.31 -11.38 18.72
N ARG B 71 0.61 -10.67 18.07
CA ARG B 71 0.45 -9.24 17.82
C ARG B 71 -0.45 -9.01 16.61
N GLU B 72 -1.30 -7.99 16.69
CA GLU B 72 -2.29 -7.68 15.67
C GLU B 72 -2.10 -6.25 15.16
N LEU B 73 -2.44 -6.03 13.89
CA LEU B 73 -2.43 -4.72 13.26
C LEU B 73 -3.77 -4.49 12.58
N MET B 74 -4.58 -3.59 13.14
CA MET B 74 -5.86 -3.26 12.54
C MET B 74 -5.63 -2.48 11.25
N LEU B 75 -5.93 -3.10 10.11
CA LEU B 75 -5.88 -2.39 8.84
C LEU B 75 -6.96 -1.34 8.76
N ARG B 76 -8.22 -1.77 8.77
CA ARG B 76 -9.32 -0.85 8.57
C ARG B 76 -10.53 -1.31 9.36
N GLN B 77 -11.45 -0.37 9.59
CA GLN B 77 -12.65 -0.59 10.36
C GLN B 77 -13.84 -0.17 9.49
N HIS B 78 -14.08 -0.93 8.42
CA HIS B 78 -15.12 -0.55 7.45
C HIS B 78 -16.50 -0.68 8.08
N GLU B 79 -17.45 0.01 7.46
CA GLU B 79 -18.79 0.01 7.99
C GLU B 79 -19.75 0.23 6.82
N ALA B 80 -20.92 0.82 7.07
CA ALA B 80 -21.89 0.98 6.01
C ALA B 80 -21.28 1.76 4.84
N GLY B 81 -21.65 1.37 3.63
CA GLY B 81 -21.17 2.03 2.43
C GLY B 81 -19.72 1.77 2.08
N ALA B 82 -19.15 0.67 2.57
CA ALA B 82 -17.76 0.33 2.33
C ALA B 82 -17.67 -0.86 1.37
N LEU B 83 -16.53 -0.97 0.70
CA LEU B 83 -16.31 -2.05 -0.28
C LEU B 83 -14.91 -2.61 -0.11
N PHE B 84 -14.83 -3.92 0.03
CA PHE B 84 -13.57 -4.65 0.14
C PHE B 84 -13.72 -6.03 -0.48
N GLY B 85 -12.59 -6.74 -0.57
CA GLY B 85 -12.57 -8.07 -1.12
C GLY B 85 -12.36 -8.15 -2.62
N GLU B 86 -11.67 -7.19 -3.21
CA GLU B 86 -11.47 -7.11 -4.66
C GLU B 86 -10.04 -7.39 -5.10
N MET B 87 -9.06 -7.17 -4.23
CA MET B 87 -7.68 -7.46 -4.59
C MET B 87 -7.49 -8.95 -4.87
N ALA B 88 -7.80 -9.80 -3.86
CA ALA B 88 -7.66 -11.23 -4.14
C ALA B 88 -8.46 -11.63 -5.38
N LEU B 89 -9.56 -10.93 -5.67
CA LEU B 89 -10.36 -11.15 -6.88
C LEU B 89 -9.56 -10.90 -8.15
N LEU B 90 -9.49 -9.62 -8.52
CA LEU B 90 -8.79 -9.19 -9.73
C LEU B 90 -7.44 -9.89 -9.86
N ASP B 91 -6.60 -9.73 -8.84
CA ASP B 91 -5.27 -10.33 -8.79
C ASP B 91 -5.39 -11.77 -8.29
N GLY B 92 -4.97 -12.72 -9.13
CA GLY B 92 -5.26 -14.13 -8.90
C GLY B 92 -4.60 -14.78 -7.69
N GLN B 93 -4.07 -13.99 -6.78
CA GLN B 93 -3.40 -14.52 -5.60
C GLN B 93 -4.41 -14.76 -4.48
N PRO B 94 -3.97 -15.13 -3.29
CA PRO B 94 -4.90 -15.33 -2.17
C PRO B 94 -5.24 -14.01 -1.50
N ARG B 95 -6.08 -14.11 -0.47
CA ARG B 95 -6.43 -12.94 0.33
C ARG B 95 -5.19 -12.34 0.98
N SER B 96 -5.18 -11.01 1.09
CA SER B 96 -4.06 -10.30 1.68
C SER B 96 -4.31 -9.86 3.10
N ALA B 97 -5.50 -10.11 3.65
CA ALA B 97 -5.84 -9.71 5.01
C ALA B 97 -6.93 -10.62 5.55
N ASP B 98 -7.31 -10.38 6.80
CA ASP B 98 -8.35 -11.14 7.48
C ASP B 98 -9.54 -10.24 7.74
N ALA B 99 -10.73 -10.71 7.35
CA ALA B 99 -11.97 -9.96 7.51
C ALA B 99 -12.78 -10.58 8.65
N THR B 100 -13.10 -9.78 9.66
CA THR B 100 -13.85 -10.28 10.80
C THR B 100 -14.92 -9.27 11.19
N ALA B 101 -16.16 -9.75 11.32
CA ALA B 101 -17.28 -8.91 11.73
C ALA B 101 -17.36 -8.91 13.25
N VAL B 102 -17.21 -7.72 13.84
CA VAL B 102 -17.28 -7.57 15.30
C VAL B 102 -18.69 -7.27 15.79
N THR B 103 -19.63 -7.00 14.89
CA THR B 103 -21.05 -6.93 15.23
C THR B 103 -21.84 -7.61 14.12
N ALA B 104 -23.13 -7.80 14.38
CA ALA B 104 -24.03 -8.29 13.34
C ALA B 104 -23.86 -7.46 12.08
N ALA B 105 -23.38 -8.09 11.01
CA ALA B 105 -23.08 -7.37 9.79
C ALA B 105 -23.81 -8.02 8.63
N GLU B 106 -24.44 -7.20 7.80
CA GLU B 106 -25.07 -7.66 6.58
C GLU B 106 -24.43 -6.96 5.39
N GLY B 107 -24.40 -7.65 4.25
CA GLY B 107 -23.82 -7.08 3.05
C GLY B 107 -24.04 -7.99 1.86
N TYR B 108 -23.75 -7.44 0.68
CA TYR B 108 -23.94 -8.15 -0.57
C TYR B 108 -22.62 -8.74 -1.06
N VAL B 109 -22.73 -9.78 -1.87
CA VAL B 109 -21.59 -10.56 -2.35
C VAL B 109 -21.68 -10.65 -3.87
N ILE B 110 -20.53 -10.53 -4.52
CA ILE B 110 -20.43 -10.57 -5.97
C ILE B 110 -19.32 -11.55 -6.35
N GLY B 111 -19.61 -12.42 -7.32
CA GLY B 111 -18.68 -13.46 -7.68
C GLY B 111 -17.50 -12.95 -8.50
N LYS B 112 -16.46 -13.79 -8.57
CA LYS B 112 -15.27 -13.43 -9.33
C LYS B 112 -15.58 -13.30 -10.82
N LYS B 113 -16.08 -14.38 -11.44
CA LYS B 113 -16.26 -14.35 -12.88
C LYS B 113 -17.21 -13.23 -13.29
N ASP B 114 -18.33 -13.10 -12.58
CA ASP B 114 -19.30 -12.07 -12.94
C ASP B 114 -18.65 -10.71 -12.98
N PHE B 115 -17.86 -10.39 -11.95
CA PHE B 115 -17.24 -9.08 -11.86
C PHE B 115 -16.18 -8.88 -12.95
N LEU B 116 -15.34 -9.87 -13.18
CA LEU B 116 -14.31 -9.70 -14.22
C LEU B 116 -14.93 -9.63 -15.60
N ALA B 117 -15.99 -10.41 -15.86
CA ALA B 117 -16.72 -10.31 -17.12
C ALA B 117 -17.39 -8.94 -17.26
N LEU B 118 -17.80 -8.35 -16.14
CA LEU B 118 -18.39 -7.02 -16.20
C LEU B 118 -17.33 -5.95 -16.50
N ILE B 119 -16.13 -6.09 -15.93
CA ILE B 119 -15.05 -5.17 -16.28
C ILE B 119 -14.70 -5.30 -17.75
N THR B 120 -14.68 -6.53 -18.27
CA THR B 120 -14.51 -6.71 -19.71
C THR B 120 -15.67 -6.10 -20.49
N GLN B 121 -16.86 -6.05 -19.90
CA GLN B 121 -18.01 -5.49 -20.61
C GLN B 121 -17.89 -3.99 -20.77
N ARG B 122 -17.64 -3.26 -19.68
CA ARG B 122 -17.58 -1.80 -19.70
C ARG B 122 -16.15 -1.34 -19.43
N PRO B 123 -15.42 -0.87 -20.45
CA PRO B 123 -14.00 -0.54 -20.24
C PRO B 123 -13.76 0.51 -19.17
N LYS B 124 -14.59 1.56 -19.12
CA LYS B 124 -14.34 2.66 -18.18
C LYS B 124 -14.47 2.21 -16.73
N THR B 125 -15.33 1.25 -16.47
CA THR B 125 -15.38 0.67 -15.13
C THR B 125 -13.99 0.26 -14.65
N ALA B 126 -13.17 -0.25 -15.58
CA ALA B 126 -11.77 -0.54 -15.27
C ALA B 126 -11.09 0.68 -14.68
N GLU B 127 -11.21 1.82 -15.35
CA GLU B 127 -10.69 3.08 -14.84
C GLU B 127 -11.15 3.34 -13.42
N ALA B 128 -12.44 3.10 -13.16
CA ALA B 128 -12.96 3.24 -11.80
C ALA B 128 -12.10 2.43 -10.84
N VAL B 129 -12.01 1.13 -11.11
CA VAL B 129 -11.20 0.23 -10.27
C VAL B 129 -9.83 0.83 -10.02
N ILE B 130 -9.14 1.18 -11.11
CA ILE B 130 -7.78 1.71 -11.01
C ILE B 130 -7.74 2.89 -10.07
N ARG B 131 -8.54 3.93 -10.33
CA ARG B 131 -8.48 5.09 -9.44
C ARG B 131 -8.70 4.67 -8.00
N PHE B 132 -9.66 3.77 -7.77
CA PHE B 132 -9.90 3.32 -6.41
C PHE B 132 -8.63 2.71 -5.83
N LEU B 133 -8.00 1.82 -6.59
CA LEU B 133 -6.80 1.15 -6.12
C LEU B 133 -5.74 2.17 -5.75
N CYS B 134 -5.40 3.06 -6.69
CA CYS B 134 -4.47 4.14 -6.38
C CYS B 134 -4.79 4.75 -5.03
N ALA B 135 -6.05 5.17 -4.85
CA ALA B 135 -6.46 5.78 -3.60
C ALA B 135 -6.05 4.91 -2.42
N GLN B 136 -6.50 3.66 -2.43
CA GLN B 136 -6.14 2.72 -1.37
C GLN B 136 -4.64 2.75 -1.11
N LEU B 137 -3.85 2.50 -2.16
CA LEU B 137 -2.40 2.50 -2.03
C LEU B 137 -1.94 3.70 -1.23
N ARG B 138 -2.38 4.88 -1.66
CA ARG B 138 -2.01 6.13 -1.02
C ARG B 138 -2.33 6.09 0.47
N ASP B 139 -3.58 5.80 0.81
CA ASP B 139 -3.98 5.76 2.21
C ASP B 139 -3.05 4.85 2.99
N THR B 140 -2.74 3.68 2.41
CA THR B 140 -1.85 2.74 3.07
C THR B 140 -0.47 3.36 3.27
N THR B 141 0.12 3.86 2.18
CA THR B 141 1.48 4.35 2.23
C THR B 141 1.62 5.49 3.23
N ASP B 142 0.65 6.40 3.23
CA ASP B 142 0.63 7.46 4.22
C ASP B 142 0.70 6.89 5.62
N ARG B 143 -0.17 5.92 5.91
CA ARG B 143 -0.10 5.24 7.21
C ARG B 143 1.29 4.70 7.48
N LEU B 144 1.89 4.06 6.48
CA LEU B 144 3.28 3.61 6.57
C LEU B 144 4.15 4.72 7.12
N GLU B 145 4.16 5.86 6.43
CA GLU B 145 4.97 6.99 6.88
C GLU B 145 4.67 7.32 8.33
N THR B 146 3.37 7.42 8.68
CA THR B 146 2.99 7.75 10.05
C THR B 146 3.73 6.87 11.04
N ILE B 147 3.75 5.56 10.79
CA ILE B 147 4.31 4.64 11.76
C ILE B 147 5.83 4.54 11.64
N ALA B 148 6.40 5.02 10.54
CA ALA B 148 7.85 4.92 10.35
C ALA B 148 8.59 6.11 10.95
N LEU B 149 8.04 7.31 10.83
CA LEU B 149 8.80 8.53 11.07
C LEU B 149 8.18 9.42 12.15
N TYR B 150 7.24 8.90 12.95
CA TYR B 150 6.58 9.73 13.94
C TYR B 150 6.42 8.98 15.26
N ASP B 151 6.42 9.74 16.35
CA ASP B 151 6.17 9.18 17.67
C ASP B 151 4.67 8.93 17.82
N LEU B 152 4.24 8.55 19.02
CA LEU B 152 2.85 8.19 19.23
C LEU B 152 1.93 9.40 19.10
N ASN B 153 2.30 10.51 19.74
CA ASN B 153 1.44 11.69 19.71
C ASN B 153 1.21 12.15 18.27
N ALA B 154 2.30 12.28 17.50
CA ALA B 154 2.16 12.64 16.09
C ALA B 154 1.33 11.62 15.34
N ARG B 155 1.45 10.34 15.71
CA ARG B 155 0.70 9.29 15.01
C ARG B 155 -0.79 9.52 15.18
N VAL B 156 -1.24 9.69 16.42
CA VAL B 156 -2.66 9.88 16.69
C VAL B 156 -3.13 11.21 16.11
N ALA B 157 -2.29 12.24 16.15
CA ALA B 157 -2.67 13.51 15.54
C ALA B 157 -2.94 13.33 14.05
N ARG B 158 -2.03 12.64 13.35
CA ARG B 158 -2.24 12.38 11.94
C ARG B 158 -3.46 11.51 11.71
N PHE B 159 -3.71 10.56 12.61
CA PHE B 159 -4.90 9.73 12.47
C PHE B 159 -6.15 10.58 12.52
N PHE B 160 -6.21 11.49 13.50
CA PHE B 160 -7.39 12.35 13.63
C PHE B 160 -7.54 13.27 12.42
N LEU B 161 -6.43 13.79 11.91
CA LEU B 161 -6.51 14.64 10.72
C LEU B 161 -7.04 13.86 9.53
N ALA B 162 -6.52 12.65 9.30
CA ALA B 162 -7.00 11.83 8.21
C ALA B 162 -8.47 11.45 8.40
N THR B 163 -8.88 11.20 9.64
CA THR B 163 -10.26 10.81 9.88
C THR B 163 -11.21 11.98 9.65
N LEU B 164 -10.77 13.21 9.96
CA LEU B 164 -11.60 14.36 9.68
C LEU B 164 -11.61 14.68 8.19
N ARG B 165 -10.65 14.16 7.43
CA ARG B 165 -10.87 14.07 5.99
C ARG B 165 -11.75 12.88 5.57
N GLN B 166 -11.86 11.84 6.39
CA GLN B 166 -12.85 10.81 6.11
C GLN B 166 -14.25 11.41 6.04
N ILE B 167 -14.37 12.71 6.35
CA ILE B 167 -15.66 13.40 6.37
C ILE B 167 -15.61 14.64 5.47
N HIS B 168 -14.93 15.70 5.88
CA HIS B 168 -14.78 16.85 4.99
C HIS B 168 -13.47 16.71 4.23
N GLY B 169 -13.58 16.23 2.99
CA GLY B 169 -12.40 15.89 2.21
C GLY B 169 -11.75 17.06 1.51
N SER B 170 -12.35 18.21 1.76
CA SER B 170 -12.67 19.27 0.81
C SER B 170 -12.02 20.57 1.24
N GLU B 171 -12.22 20.89 2.50
CA GLU B 171 -12.38 22.23 3.04
C GLU B 171 -11.50 22.38 4.27
N MET B 172 -12.13 22.30 5.42
CA MET B 172 -11.53 21.92 6.68
C MET B 172 -11.43 23.14 7.59
N PRO B 173 -12.08 23.09 8.75
CA PRO B 173 -12.23 24.31 9.56
C PRO B 173 -11.07 24.56 10.50
N GLN B 174 -11.35 25.27 11.59
CA GLN B 174 -10.41 25.47 12.68
C GLN B 174 -10.70 24.62 13.90
N SER B 175 -11.99 24.35 14.17
CA SER B 175 -12.41 23.42 15.20
C SER B 175 -13.53 22.56 14.64
N ALA B 176 -13.39 21.24 14.77
CA ALA B 176 -14.39 20.34 14.22
C ALA B 176 -14.61 19.16 15.15
N ASN B 177 -15.87 18.86 15.44
CA ASN B 177 -16.19 17.69 16.23
C ASN B 177 -16.26 16.45 15.34
N LEU B 178 -16.00 15.29 15.96
CA LEU B 178 -16.26 14.06 15.22
C LEU B 178 -16.57 12.91 16.15
N ARG B 179 -17.48 12.07 15.69
CA ARG B 179 -18.10 11.01 16.46
C ARG B 179 -17.33 9.73 16.13
N LEU B 180 -16.50 9.29 17.07
CA LEU B 180 -15.42 8.36 16.75
C LEU B 180 -15.89 6.94 16.45
N THR B 181 -16.33 6.22 17.47
CA THR B 181 -16.74 4.82 17.34
C THR B 181 -15.53 3.89 17.26
N LEU B 182 -14.44 4.27 17.92
CA LEU B 182 -13.26 3.43 18.03
C LEU B 182 -12.76 3.47 19.46
N SER B 183 -12.54 2.30 20.05
CA SER B 183 -11.95 2.27 21.37
C SER B 183 -10.46 2.61 21.29
N GLN B 184 -9.87 2.83 22.46
CA GLN B 184 -8.45 3.17 22.51
C GLN B 184 -7.57 1.97 22.16
N THR B 185 -8.02 0.76 22.51
CA THR B 185 -7.36 -0.43 21.98
C THR B 185 -7.45 -0.48 20.46
N ASP B 186 -8.61 -0.11 19.90
CA ASP B 186 -8.72 0.00 18.45
C ASP B 186 -7.64 0.90 17.87
N ILE B 187 -7.49 2.10 18.45
CA ILE B 187 -6.48 3.04 17.96
C ILE B 187 -5.08 2.45 18.09
N ALA B 188 -4.75 1.93 19.26
CA ALA B 188 -3.43 1.37 19.49
C ALA B 188 -3.11 0.25 18.52
N SER B 189 -4.14 -0.50 18.09
CA SER B 189 -3.92 -1.59 17.15
C SER B 189 -3.83 -1.08 15.71
N ILE B 190 -4.54 0.00 15.39
CA ILE B 190 -4.40 0.61 14.06
C ILE B 190 -3.00 1.15 13.87
N LEU B 191 -2.44 1.80 14.90
CA LEU B 191 -1.17 2.49 14.78
C LEU B 191 0.01 1.69 15.31
N GLY B 192 -0.20 0.42 15.65
CA GLY B 192 0.89 -0.43 16.12
C GLY B 192 1.54 0.10 17.38
N ALA B 193 0.75 0.27 18.43
CA ALA B 193 1.23 0.80 19.70
C ALA B 193 0.54 0.02 20.82
N SER B 194 0.58 0.57 22.04
CA SER B 194 0.00 -0.05 23.22
C SER B 194 -1.18 0.78 23.71
N ARG B 195 -2.25 0.09 24.12
CA ARG B 195 -3.43 0.80 24.63
C ARG B 195 -3.10 1.77 25.74
N PRO B 196 -2.40 1.40 26.81
CA PRO B 196 -2.11 2.37 27.88
C PRO B 196 -1.39 3.61 27.38
N LYS B 197 -0.44 3.43 26.47
CA LYS B 197 0.34 4.57 26.00
C LYS B 197 -0.41 5.36 24.94
N VAL B 198 -1.33 4.73 24.21
CA VAL B 198 -2.23 5.47 23.35
C VAL B 198 -3.17 6.33 24.18
N ASN B 199 -3.70 5.78 25.26
CA ASN B 199 -4.47 6.56 26.22
C ASN B 199 -3.67 7.75 26.73
N ARG B 200 -2.42 7.50 27.13
CA ARG B 200 -1.56 8.60 27.55
C ARG B 200 -1.44 9.67 26.47
N ALA B 201 -1.19 9.25 25.23
CA ALA B 201 -1.00 10.22 24.16
C ALA B 201 -2.25 11.05 23.92
N ILE B 202 -3.43 10.41 23.96
CA ILE B 202 -4.68 11.14 23.76
C ILE B 202 -4.90 12.15 24.89
N LEU B 203 -4.68 11.72 26.13
CA LEU B 203 -4.82 12.66 27.25
C LEU B 203 -3.80 13.79 27.15
N SER B 204 -2.58 13.48 26.68
CA SER B 204 -1.56 14.50 26.48
C SER B 204 -2.01 15.51 25.44
N LEU B 205 -2.68 15.04 24.38
CA LEU B 205 -3.15 15.93 23.34
C LEU B 205 -4.29 16.82 23.83
N GLU B 206 -5.18 16.26 24.65
CA GLU B 206 -6.27 17.07 25.19
C GLU B 206 -5.76 18.07 26.23
N GLU B 207 -4.69 17.72 26.95
CA GLU B 207 -4.10 18.62 27.94
C GLU B 207 -3.12 19.61 27.33
N SER B 208 -2.68 19.39 26.10
CA SER B 208 -1.87 20.36 25.38
C SER B 208 -2.73 21.36 24.61
N GLY B 209 -4.05 21.33 24.80
CA GLY B 209 -4.94 22.24 24.11
C GLY B 209 -5.30 21.82 22.70
N ALA B 210 -5.03 20.58 22.32
CA ALA B 210 -5.28 20.15 20.95
C ALA B 210 -6.73 19.72 20.76
N ILE B 211 -7.18 18.71 21.50
CA ILE B 211 -8.50 18.11 21.33
C ILE B 211 -9.21 18.09 22.67
N LYS B 212 -10.46 18.51 22.68
CA LYS B 212 -11.33 18.38 23.84
C LYS B 212 -12.29 17.21 23.59
N ARG B 213 -12.42 16.33 24.56
CA ARG B 213 -13.07 15.03 24.33
C ARG B 213 -14.19 14.84 25.35
N ALA B 214 -15.42 14.79 24.86
CA ALA B 214 -16.63 14.58 25.66
C ALA B 214 -17.27 13.24 25.29
N ASP B 215 -18.42 12.97 25.90
CA ASP B 215 -19.10 11.70 25.76
C ASP B 215 -19.35 11.33 24.30
N GLY B 216 -18.45 10.53 23.73
CA GLY B 216 -18.57 10.07 22.36
C GLY B 216 -18.08 11.04 21.30
N ILE B 217 -17.73 12.27 21.67
CA ILE B 217 -17.38 13.30 20.71
C ILE B 217 -15.97 13.82 21.01
N ILE B 218 -15.31 14.31 19.97
CA ILE B 218 -14.01 14.97 20.10
C ILE B 218 -14.04 16.24 19.26
N CYS B 219 -13.92 17.39 19.92
CA CYS B 219 -13.70 18.66 19.25
C CYS B 219 -12.20 18.81 19.01
N CYS B 220 -11.80 18.84 17.74
CA CYS B 220 -10.40 18.88 17.35
C CYS B 220 -10.03 20.32 16.98
N ASN B 221 -8.90 20.79 17.54
CA ASN B 221 -8.34 22.11 17.25
C ASN B 221 -7.26 21.96 16.17
N VAL B 222 -7.71 21.96 14.92
CA VAL B 222 -6.85 21.75 13.75
C VAL B 222 -5.50 22.45 13.88
N GLY B 223 -5.49 23.65 14.45
CA GLY B 223 -4.25 24.39 14.59
C GLY B 223 -3.22 23.66 15.43
N ARG B 224 -3.54 23.45 16.71
CA ARG B 224 -2.61 22.73 17.57
C ARG B 224 -2.39 21.29 17.13
N LEU B 225 -3.32 20.69 16.37
CA LEU B 225 -3.10 19.33 15.89
C LEU B 225 -2.07 19.29 14.78
N LEU B 226 -2.07 20.27 13.88
CA LEU B 226 -0.98 20.35 12.92
C LEU B 226 0.33 20.70 13.61
N SER B 227 0.29 21.54 14.66
CA SER B 227 1.52 21.83 15.39
C SER B 227 2.06 20.57 16.08
N ILE B 228 1.17 19.66 16.48
CA ILE B 228 1.60 18.47 17.19
C ILE B 228 2.02 17.36 16.23
N ALA B 229 1.38 17.27 15.06
CA ALA B 229 1.75 16.28 14.06
C ALA B 229 3.05 16.63 13.34
N ASP B 230 3.61 17.79 13.65
CA ASP B 230 4.91 18.21 13.13
C ASP B 230 5.71 18.79 14.29
N PRO B 231 6.81 19.49 14.08
CA PRO B 231 7.78 19.31 15.18
C PRO B 231 7.76 17.98 15.95
#